data_4FO9
#
_entry.id   4FO9
#
_cell.length_a   90.288
_cell.length_b   170.140
_cell.length_c   57.507
_cell.angle_alpha   90.000
_cell.angle_beta   90.000
_cell.angle_gamma   90.000
#
_symmetry.space_group_name_H-M   'C 2 2 21'
#
loop_
_entity.id
_entity.type
_entity.pdbx_description
1 polymer 'E3 SUMO-protein ligase PIAS2'
2 non-polymer 'ZINC ION'
3 non-polymer 'UNKNOWN ATOM OR ION'
4 water water
#
_entity_poly.entity_id   1
_entity_poly.type   'polypeptide(L)'
_entity_poly.pdbx_seq_one_letter_code
;MHHHHHHSSGRENLYFQGQLKNLPFYDVLDVLIKPTSLVQSSIQRFQEKFFIFALTPQQVREICISRDFLPGGRRDYTVQ
VQLRLCLAETSCPQEDNYPNSLCIKVNGKLFPLPGYAPPPKNGIEQKRPGRPLNITSLVRLSSAVPNQISISWASEIGKN
YSMSVYLVRQLTSAMLLQRLKMKGIRNPDHSRALIKEKLTADPDSEIATTSLRVSLMCPLGKMRLTIPCRAVTCTHLQCF
DAALYLQMNEKKPTWICPVCDKKAAYESLILDGLFMEILNDCSDVDEIKFQEDGSWCPMRPKKEAMKVSSQPCTKIESSS
VLSKPCSVTVASEASKKKVDVIDLTIESSSDEEEDPPAKR
;
_entity_poly.pdbx_strand_id   A
#
loop_
_chem_comp.id
_chem_comp.type
_chem_comp.name
_chem_comp.formula
UNX non-polymer 'UNKNOWN ATOM OR ION' ?
ZN non-polymer 'ZINC ION' 'Zn 2'
#
# COMPACT_ATOMS: atom_id res chain seq x y z
N GLN A 17 0.40 -12.49 16.25
CA GLN A 17 0.92 -13.48 15.23
C GLN A 17 -0.05 -13.57 14.05
N GLY A 18 0.51 -13.54 12.84
CA GLY A 18 -0.29 -13.55 11.63
C GLY A 18 -0.80 -12.20 11.14
N GLN A 19 -0.57 -11.12 11.88
CA GLN A 19 -0.93 -9.77 11.41
C GLN A 19 -0.07 -9.31 10.22
N LEU A 20 -0.72 -8.64 9.29
CA LEU A 20 -0.09 -8.13 8.07
C LEU A 20 0.18 -6.64 8.16
N LYS A 21 1.11 -6.16 7.33
CA LYS A 21 1.38 -4.74 7.24
C LYS A 21 0.16 -4.03 6.66
N ASN A 22 -0.13 -2.86 7.23
CA ASN A 22 -1.12 -1.95 6.68
C ASN A 22 -0.81 -1.62 5.22
N LEU A 23 -1.89 -1.62 4.40
CA LEU A 23 -1.86 -1.18 2.99
C LEU A 23 -2.41 0.26 2.87
N PRO A 24 -1.60 1.20 2.39
CA PRO A 24 -2.16 2.56 2.41
C PRO A 24 -3.38 2.82 1.56
N PHE A 25 -3.66 2.01 0.56
CA PHE A 25 -4.79 2.25 -0.35
C PHE A 25 -6.06 1.55 0.05
N TYR A 26 -6.06 0.87 1.20
CA TYR A 26 -7.24 0.22 1.76
C TYR A 26 -7.57 0.66 3.21
N ASP A 27 -8.84 0.91 3.48
CA ASP A 27 -9.32 1.10 4.84
C ASP A 27 -9.92 -0.22 5.21
N VAL A 28 -9.52 -0.78 6.33
CA VAL A 28 -10.17 -1.97 6.85
C VAL A 28 -11.46 -1.65 7.57
N LEU A 29 -12.57 -2.18 7.04
CA LEU A 29 -13.94 -1.98 7.61
C LEU A 29 -14.27 -3.09 8.61
N ASP A 30 -13.83 -4.34 8.35
CA ASP A 30 -14.08 -5.45 9.25
C ASP A 30 -13.10 -6.55 9.05
N VAL A 31 -12.93 -7.38 10.05
CA VAL A 31 -12.17 -8.61 9.91
C VAL A 31 -13.17 -9.70 9.73
N LEU A 32 -13.20 -10.29 8.53
CA LEU A 32 -14.14 -11.38 8.25
C LEU A 32 -13.61 -12.72 8.77
N ILE A 33 -12.32 -12.95 8.61
CA ILE A 33 -11.67 -14.09 9.20
C ILE A 33 -10.34 -13.61 9.78
N LYS A 34 -10.21 -13.74 11.08
CA LYS A 34 -9.02 -13.37 11.80
C LYS A 34 -7.86 -14.20 11.30
N PRO A 35 -6.63 -13.71 11.47
CA PRO A 35 -5.46 -14.51 11.16
C PRO A 35 -5.52 -15.91 11.75
N THR A 36 -5.21 -16.87 10.92
CA THR A 36 -5.46 -18.21 11.21
C THR A 36 -4.34 -19.04 10.56
N SER A 37 -3.66 -19.85 11.35
CA SER A 37 -2.52 -20.69 10.86
C SER A 37 -3.04 -21.66 9.85
N LEU A 38 -2.30 -21.85 8.79
CA LEU A 38 -2.61 -22.90 7.84
C LEU A 38 -1.83 -24.10 8.33
N VAL A 39 -2.50 -24.95 9.10
CA VAL A 39 -1.86 -26.11 9.75
C VAL A 39 -1.52 -27.15 8.69
N GLN A 40 -0.33 -27.73 8.78
CA GLN A 40 0.16 -28.68 7.78
C GLN A 40 0.39 -30.04 8.39
N SER A 41 -0.05 -31.08 7.69
CA SER A 41 0.44 -32.40 7.97
C SER A 41 1.98 -32.39 7.77
N SER A 42 2.71 -33.14 8.56
CA SER A 42 4.13 -33.27 8.38
C SER A 42 4.44 -34.41 7.38
N ILE A 43 3.49 -35.32 7.20
CA ILE A 43 3.71 -36.53 6.42
C ILE A 43 3.43 -36.28 4.94
N GLN A 44 2.32 -35.62 4.62
CA GLN A 44 1.90 -35.34 3.24
C GLN A 44 2.42 -33.95 2.81
N ARG A 45 2.76 -33.80 1.54
CA ARG A 45 3.31 -32.53 1.04
CA ARG A 45 3.30 -32.52 1.04
C ARG A 45 2.17 -31.55 0.79
N PHE A 46 1.14 -32.01 0.06
CA PHE A 46 -0.05 -31.19 -0.29
C PHE A 46 -1.10 -31.14 0.80
N GLN A 47 -1.73 -29.97 0.94
CA GLN A 47 -2.61 -29.67 2.06
C GLN A 47 -3.84 -28.97 1.56
N GLU A 48 -4.95 -29.09 2.27
CA GLU A 48 -6.11 -28.31 1.97
C GLU A 48 -6.91 -27.95 3.21
N LYS A 49 -7.35 -26.68 3.30
CA LYS A 49 -8.19 -26.25 4.40
C LYS A 49 -9.36 -25.40 3.90
N PHE A 50 -10.48 -25.50 4.60
CA PHE A 50 -11.72 -24.77 4.24
C PHE A 50 -12.08 -23.78 5.32
N PHE A 51 -12.55 -22.62 4.90
CA PHE A 51 -12.99 -21.52 5.80
C PHE A 51 -14.34 -20.97 5.42
N ILE A 52 -15.12 -20.62 6.43
CA ILE A 52 -16.43 -20.03 6.27
C ILE A 52 -16.41 -18.62 6.83
N PHE A 53 -16.95 -17.64 6.07
CA PHE A 53 -17.48 -16.36 6.64
C PHE A 53 -18.90 -16.06 6.16
N ALA A 54 -19.56 -15.11 6.81
CA ALA A 54 -20.98 -14.77 6.55
C ALA A 54 -21.11 -13.27 6.68
N LEU A 55 -21.49 -12.58 5.62
CA LEU A 55 -21.61 -11.12 5.67
C LEU A 55 -22.89 -10.80 6.37
N THR A 56 -22.92 -9.68 7.09
CA THR A 56 -24.17 -9.18 7.65
C THR A 56 -24.99 -8.47 6.57
N PRO A 57 -26.28 -8.22 6.85
CA PRO A 57 -27.08 -7.53 5.86
C PRO A 57 -26.55 -6.17 5.50
N GLN A 58 -26.03 -5.44 6.47
CA GLN A 58 -25.45 -4.14 6.19
C GLN A 58 -24.14 -4.21 5.41
N GLN A 59 -23.36 -5.27 5.58
CA GLN A 59 -22.13 -5.42 4.79
C GLN A 59 -22.41 -5.74 3.33
N VAL A 60 -23.42 -6.56 3.08
CA VAL A 60 -23.86 -6.84 1.71
C VAL A 60 -24.27 -5.54 1.00
N ARG A 61 -25.07 -4.73 1.68
CA ARG A 61 -25.49 -3.46 1.10
C ARG A 61 -24.27 -2.59 0.88
N GLU A 62 -23.34 -2.60 1.82
CA GLU A 62 -22.11 -1.86 1.65
C GLU A 62 -21.38 -2.20 0.38
N ILE A 63 -21.29 -3.45 0.05
CA ILE A 63 -20.60 -3.79 -1.16
C ILE A 63 -21.45 -3.34 -2.33
N CYS A 64 -22.73 -3.67 -2.30
CA CYS A 64 -23.61 -3.47 -3.49
C CYS A 64 -23.71 -2.01 -3.96
N ILE A 65 -23.70 -1.05 -3.04
CA ILE A 65 -23.77 0.38 -3.43
C ILE A 65 -22.40 1.06 -3.74
N SER A 66 -21.33 0.27 -3.73
CA SER A 66 -19.96 0.82 -3.69
C SER A 66 -19.29 0.94 -5.06
N ARG A 67 -20.02 0.69 -6.15
CA ARG A 67 -19.38 0.61 -7.47
C ARG A 67 -18.91 1.96 -7.93
N ASP A 68 -17.74 2.01 -8.55
CA ASP A 68 -17.21 3.26 -9.09
C ASP A 68 -16.04 2.95 -10.04
N PHE A 69 -15.55 3.98 -10.73
CA PHE A 69 -14.32 3.82 -11.54
C PHE A 69 -13.14 3.43 -10.66
N LEU A 70 -12.45 2.36 -11.05
CA LEU A 70 -11.22 1.96 -10.40
C LEU A 70 -10.09 2.28 -11.36
N PRO A 71 -8.84 2.24 -10.86
CA PRO A 71 -7.70 2.51 -11.77
C PRO A 71 -7.46 1.32 -12.73
N GLY A 72 -7.35 1.61 -14.01
CA GLY A 72 -7.59 0.60 -15.03
C GLY A 72 -8.76 1.02 -15.92
N GLY A 73 -9.66 1.84 -15.39
CA GLY A 73 -10.79 2.38 -16.16
C GLY A 73 -12.07 1.59 -15.97
N ARG A 74 -11.99 0.47 -15.26
CA ARG A 74 -13.14 -0.40 -15.05
C ARG A 74 -13.98 0.14 -13.88
N ARG A 75 -15.31 0.10 -14.03
CA ARG A 75 -16.26 0.31 -12.93
C ARG A 75 -16.42 -0.98 -12.13
N ASP A 76 -16.14 -0.95 -10.82
CA ASP A 76 -16.32 -2.15 -9.96
C ASP A 76 -16.57 -1.72 -8.52
N TYR A 77 -16.75 -2.72 -7.65
CA TYR A 77 -16.98 -2.48 -6.24
C TYR A 77 -15.70 -1.93 -5.61
N THR A 78 -15.84 -0.81 -4.90
CA THR A 78 -14.77 -0.23 -4.16
C THR A 78 -14.83 -0.71 -2.74
N VAL A 79 -15.89 -1.39 -2.35
CA VAL A 79 -15.89 -2.07 -1.06
C VAL A 79 -15.80 -3.56 -1.37
N GLN A 80 -14.76 -4.20 -0.87
CA GLN A 80 -14.31 -5.46 -1.38
C GLN A 80 -14.05 -6.40 -0.24
N VAL A 81 -14.05 -7.69 -0.56
CA VAL A 81 -13.57 -8.74 0.33
C VAL A 81 -12.13 -9.09 -0.11
N GLN A 82 -11.18 -8.94 0.78
CA GLN A 82 -9.74 -9.01 0.47
C GLN A 82 -9.10 -10.15 1.31
N LEU A 83 -8.49 -11.11 0.62
CA LEU A 83 -7.86 -12.23 1.25
C LEU A 83 -6.33 -11.98 1.24
N ARG A 84 -5.67 -12.18 2.37
CA ARG A 84 -4.23 -11.94 2.52
C ARG A 84 -3.57 -13.13 3.17
N LEU A 85 -2.37 -13.47 2.69
CA LEU A 85 -1.59 -14.58 3.22
C LEU A 85 -0.23 -14.07 3.64
N CYS A 86 0.33 -14.61 4.69
CA CYS A 86 1.67 -14.21 5.03
C CYS A 86 2.38 -15.28 5.79
N LEU A 87 3.68 -15.15 5.91
CA LEU A 87 4.46 -16.00 6.77
C LEU A 87 4.11 -15.79 8.26
N ALA A 88 4.40 -16.81 9.07
CA ALA A 88 4.23 -16.77 10.52
C ALA A 88 5.55 -17.08 11.22
N THR A 90 6.86 -13.25 14.67
CA THR A 90 5.54 -12.63 14.85
C THR A 90 5.65 -11.09 15.00
N CYS A 92 5.45 -10.39 13.87
CA CYS A 92 5.25 -8.92 13.82
C CYS A 92 4.45 -8.66 12.48
N PRO A 93 4.31 -7.39 12.02
CA PRO A 93 3.55 -7.23 10.77
C PRO A 93 4.39 -7.63 9.55
N GLN A 94 3.79 -8.38 8.61
CA GLN A 94 4.51 -9.00 7.50
CA GLN A 94 4.54 -8.94 7.50
C GLN A 94 3.93 -8.56 6.17
N GLU A 95 4.74 -8.67 5.12
CA GLU A 95 4.27 -8.42 3.77
C GLU A 95 3.52 -9.63 3.31
N ASP A 96 2.70 -9.45 2.26
CA ASP A 96 1.98 -10.55 1.67
C ASP A 96 2.96 -11.56 1.14
N ASN A 97 2.71 -12.82 1.46
CA ASN A 97 3.57 -13.91 0.98
CA ASN A 97 3.55 -13.91 0.99
C ASN A 97 2.73 -15.17 0.79
N TYR A 98 2.89 -15.80 -0.37
CA TYR A 98 2.14 -16.99 -0.72
C TYR A 98 2.91 -18.28 -0.41
N PRO A 99 2.18 -19.35 -0.11
CA PRO A 99 2.79 -20.69 -0.02
C PRO A 99 3.06 -21.29 -1.37
N ASN A 100 3.97 -22.24 -1.42
CA ASN A 100 4.14 -23.03 -2.65
C ASN A 100 2.85 -23.63 -3.15
N SER A 101 2.68 -23.57 -4.44
CA SER A 101 1.58 -24.17 -5.16
C SER A 101 0.25 -23.72 -4.67
N LEU A 102 0.12 -22.46 -4.29
CA LEU A 102 -1.16 -21.93 -3.79
C LEU A 102 -2.30 -22.11 -4.80
N CYS A 103 -3.43 -22.62 -4.35
CA CYS A 103 -4.64 -22.66 -5.17
CA CYS A 103 -4.64 -22.71 -5.16
C CYS A 103 -5.84 -22.30 -4.32
N ILE A 104 -6.53 -21.24 -4.72
CA ILE A 104 -7.67 -20.73 -3.97
C ILE A 104 -8.96 -20.94 -4.75
N LYS A 105 -9.96 -21.50 -4.07
CA LYS A 105 -11.33 -21.61 -4.57
C LYS A 105 -12.23 -20.83 -3.65
N VAL A 106 -13.20 -20.13 -4.22
CA VAL A 106 -14.16 -19.34 -3.47
C VAL A 106 -15.54 -19.75 -3.93
N ASN A 107 -16.33 -20.29 -3.00
CA ASN A 107 -17.63 -20.93 -3.31
C ASN A 107 -17.52 -21.91 -4.43
N GLY A 108 -16.43 -22.66 -4.41
CA GLY A 108 -16.18 -23.68 -5.40
C GLY A 108 -15.58 -23.18 -6.69
N LYS A 109 -15.45 -21.87 -6.93
CA LYS A 109 -14.92 -21.41 -8.23
C LYS A 109 -13.47 -20.97 -8.08
N LEU A 110 -12.65 -21.28 -9.08
CA LEU A 110 -11.20 -21.05 -8.97
C LEU A 110 -10.90 -19.57 -9.10
N PHE A 111 -10.07 -19.06 -8.20
CA PHE A 111 -9.61 -17.71 -8.26
C PHE A 111 -8.17 -17.71 -8.86
N PRO A 112 -8.04 -17.27 -10.13
CA PRO A 112 -6.71 -17.17 -10.70
C PRO A 112 -5.85 -16.12 -9.96
N LEU A 113 -4.58 -16.44 -9.76
CA LEU A 113 -3.67 -15.58 -9.01
C LEU A 113 -3.00 -14.58 -9.97
N PRO A 114 -2.87 -13.31 -9.55
CA PRO A 114 -2.37 -12.25 -10.43
C PRO A 114 -0.84 -12.28 -10.60
N GLY A 123 7.55 -27.18 -7.54
CA GLY A 123 8.97 -27.11 -7.19
C GLY A 123 9.19 -26.67 -5.74
N ILE A 124 10.40 -26.91 -5.23
CA ILE A 124 10.75 -26.62 -3.82
C ILE A 124 10.79 -25.10 -3.46
N GLU A 125 11.34 -24.27 -4.38
CA GLU A 125 11.58 -22.84 -4.13
C GLU A 125 10.69 -21.94 -5.02
N GLN A 126 9.40 -21.84 -4.68
CA GLN A 126 8.53 -20.83 -5.29
C GLN A 126 8.86 -19.48 -4.61
N LYS A 127 9.30 -18.50 -5.41
CA LYS A 127 9.79 -17.21 -4.86
C LYS A 127 8.96 -15.99 -5.33
N ARG A 128 7.79 -16.23 -5.94
CA ARG A 128 6.92 -15.15 -6.48
C ARG A 128 6.23 -14.29 -5.35
N PRO A 129 6.34 -12.94 -5.45
CA PRO A 129 5.91 -12.11 -4.32
C PRO A 129 4.39 -12.08 -4.13
N GLY A 130 3.97 -12.04 -2.87
CA GLY A 130 2.58 -12.04 -2.56
C GLY A 130 1.94 -10.68 -2.79
N ARG A 131 0.64 -10.70 -3.09
CA ARG A 131 -0.20 -9.53 -2.99
C ARG A 131 -1.57 -9.85 -2.40
N PRO A 132 -2.27 -8.82 -1.93
CA PRO A 132 -3.61 -9.01 -1.48
C PRO A 132 -4.52 -9.41 -2.61
N LEU A 133 -5.48 -10.25 -2.34
CA LEU A 133 -6.39 -10.77 -3.34
C LEU A 133 -7.80 -10.24 -3.18
N ASN A 134 -8.28 -9.56 -4.20
CA ASN A 134 -9.64 -9.07 -4.20
C ASN A 134 -10.58 -10.14 -4.70
N ILE A 135 -11.30 -10.84 -3.80
CA ILE A 135 -12.09 -12.00 -4.22
C ILE A 135 -13.59 -11.71 -4.36
N THR A 136 -13.93 -10.45 -4.33
CA THR A 136 -15.31 -9.97 -4.30
C THR A 136 -16.15 -10.51 -5.39
N SER A 137 -15.62 -10.66 -6.58
CA SER A 137 -16.46 -11.10 -7.67
C SER A 137 -16.84 -12.60 -7.56
N LEU A 138 -16.25 -13.34 -6.65
CA LEU A 138 -16.72 -14.72 -6.45
C LEU A 138 -17.54 -14.85 -5.18
N VAL A 139 -17.62 -13.77 -4.42
CA VAL A 139 -18.36 -13.78 -3.18
C VAL A 139 -19.90 -13.82 -3.39
N ARG A 140 -20.57 -14.64 -2.62
CA ARG A 140 -22.03 -14.68 -2.64
C ARG A 140 -22.53 -13.46 -1.81
N LEU A 141 -23.16 -12.49 -2.49
CA LEU A 141 -23.63 -11.27 -1.87
C LEU A 141 -24.96 -11.52 -1.17
N SER A 142 -24.88 -12.26 -0.08
CA SER A 142 -26.02 -12.65 0.67
C SER A 142 -25.64 -12.72 2.13
N SER A 143 -26.60 -12.45 3.00
CA SER A 143 -26.42 -12.63 4.43
C SER A 143 -27.10 -13.89 4.94
N ALA A 144 -27.92 -14.52 4.12
CA ALA A 144 -28.65 -15.70 4.54
C ALA A 144 -27.83 -16.98 4.34
N VAL A 145 -26.72 -16.87 3.66
CA VAL A 145 -25.95 -18.01 3.23
C VAL A 145 -24.47 -17.72 3.51
N PRO A 146 -23.73 -18.67 4.07
CA PRO A 146 -22.31 -18.43 4.29
C PRO A 146 -21.45 -18.51 3.00
N ASN A 147 -20.39 -17.72 2.93
CA ASN A 147 -19.38 -17.87 1.88
C ASN A 147 -18.31 -18.82 2.33
N GLN A 148 -17.67 -19.46 1.37
CA GLN A 148 -16.73 -20.53 1.65
C GLN A 148 -15.43 -20.26 0.87
N ILE A 149 -14.30 -20.48 1.51
CA ILE A 149 -13.00 -20.42 0.83
C ILE A 149 -12.18 -21.69 1.10
N SER A 150 -11.64 -22.26 0.03
CA SER A 150 -10.76 -23.40 0.11
CA SER A 150 -10.76 -23.42 0.08
C SER A 150 -9.35 -22.97 -0.26
N ILE A 151 -8.37 -23.39 0.54
CA ILE A 151 -6.97 -23.05 0.25
C ILE A 151 -6.17 -24.31 0.22
N SER A 152 -5.53 -24.58 -0.94
CA SER A 152 -4.52 -25.64 -1.08
C SER A 152 -3.15 -25.08 -1.25
N TRP A 153 -2.16 -25.86 -0.80
CA TRP A 153 -0.78 -25.52 -0.93
C TRP A 153 0.09 -26.71 -0.67
N ALA A 154 1.37 -26.56 -0.98
CA ALA A 154 2.39 -27.56 -0.65
C ALA A 154 3.35 -26.99 0.40
N SER A 155 3.59 -27.74 1.46
CA SER A 155 4.38 -27.26 2.57
C SER A 155 5.85 -27.19 2.16
N GLU A 156 6.61 -26.33 2.86
CA GLU A 156 8.06 -26.22 2.77
C GLU A 156 8.58 -26.18 4.19
N ILE A 157 9.74 -26.81 4.43
CA ILE A 157 10.26 -27.00 5.82
C ILE A 157 10.53 -25.65 6.50
N GLY A 158 10.02 -25.49 7.73
CA GLY A 158 10.27 -24.28 8.53
C GLY A 158 9.75 -22.96 7.93
N LYS A 159 8.77 -23.06 7.03
CA LYS A 159 8.05 -21.91 6.51
C LYS A 159 6.57 -22.13 6.77
N ASN A 160 6.03 -21.38 7.74
CA ASN A 160 4.63 -21.51 8.18
C ASN A 160 3.80 -20.27 7.81
N TYR A 161 2.59 -20.50 7.35
CA TYR A 161 1.80 -19.45 6.81
C TYR A 161 0.53 -19.22 7.61
N SER A 162 -0.10 -18.09 7.34
CA SER A 162 -1.31 -17.67 8.03
C SER A 162 -2.18 -16.96 7.01
N MET A 163 -3.52 -17.15 7.07
CA MET A 163 -4.48 -16.46 6.19
C MET A 163 -5.43 -15.60 6.99
N SER A 164 -5.89 -14.51 6.39
CA SER A 164 -6.96 -13.68 6.96
C SER A 164 -7.76 -13.03 5.90
N VAL A 165 -9.01 -12.68 6.22
CA VAL A 165 -9.91 -12.11 5.22
C VAL A 165 -10.57 -10.88 5.82
N TYR A 166 -10.62 -9.81 5.05
CA TYR A 166 -11.05 -8.48 5.54
C TYR A 166 -12.05 -7.89 4.58
N LEU A 167 -12.86 -6.97 5.09
CA LEU A 167 -13.72 -6.16 4.28
C LEU A 167 -13.05 -4.81 4.23
N VAL A 168 -12.80 -4.31 3.04
CA VAL A 168 -11.96 -3.16 2.85
C VAL A 168 -12.65 -2.20 1.91
N ARG A 169 -12.28 -0.93 1.99
CA ARG A 169 -12.67 0.05 1.00
C ARG A 169 -11.38 0.47 0.32
N GLN A 170 -11.36 0.42 -1.02
CA GLN A 170 -10.17 0.79 -1.75
C GLN A 170 -10.21 2.28 -1.95
N LEU A 171 -9.10 2.93 -1.70
CA LEU A 171 -8.99 4.35 -1.74
C LEU A 171 -8.25 4.75 -3.02
N THR A 172 -8.62 5.88 -3.60
CA THR A 172 -7.85 6.45 -4.71
C THR A 172 -6.66 7.30 -4.21
N SER A 173 -5.84 7.70 -5.15
CA SER A 173 -4.75 8.59 -4.88
C SER A 173 -5.21 9.95 -4.35
N ALA A 174 -6.34 10.44 -4.86
CA ALA A 174 -6.85 11.74 -4.42
C ALA A 174 -7.17 11.64 -2.95
N MET A 175 -7.70 10.49 -2.55
CA MET A 175 -8.10 10.28 -1.18
C MET A 175 -6.87 10.26 -0.30
N LEU A 176 -5.83 9.58 -0.74
CA LEU A 176 -4.61 9.53 0.06
C LEU A 176 -3.99 10.91 0.15
N LEU A 177 -4.00 11.63 -0.96
CA LEU A 177 -3.53 13.00 -0.99
C LEU A 177 -4.24 13.82 0.03
N GLN A 178 -5.56 13.84 -0.05
CA GLN A 178 -6.34 14.57 0.97
C GLN A 178 -5.89 14.22 2.35
N ARG A 179 -5.76 12.94 2.67
CA ARG A 179 -5.40 12.58 4.06
C ARG A 179 -4.01 13.06 4.45
N LEU A 180 -3.14 13.06 3.47
CA LEU A 180 -1.78 13.49 3.64
C LEU A 180 -1.76 14.97 3.96
N LYS A 181 -2.57 15.77 3.27
CA LYS A 181 -2.74 17.20 3.62
C LYS A 181 -3.17 17.45 5.06
N MET A 182 -4.01 16.57 5.61
CA MET A 182 -4.52 16.76 6.97
C MET A 182 -3.56 16.33 8.07
N LYS A 183 -2.41 15.80 7.66
CA LYS A 183 -1.41 15.27 8.58
C LYS A 183 -0.20 16.21 8.64
N ILE A 185 1.33 19.39 7.66
CA ILE A 185 2.42 19.94 6.86
C ILE A 185 3.50 20.60 7.72
N ARG A 186 4.75 20.45 7.28
CA ARG A 186 5.92 20.67 8.11
C ARG A 186 6.39 22.12 8.07
N ASN A 187 6.65 22.64 9.26
CA ASN A 187 7.08 24.01 9.49
C ASN A 187 8.25 24.39 8.57
N PRO A 188 8.12 25.51 7.83
CA PRO A 188 9.22 26.01 7.02
C PRO A 188 10.55 26.10 7.77
N ASP A 189 10.47 26.33 9.08
CA ASP A 189 11.66 26.47 9.92
C ASP A 189 12.47 25.16 10.04
N HIS A 190 11.78 24.01 10.04
CA HIS A 190 12.47 22.70 10.11
C HIS A 190 13.51 22.53 9.01
N SER A 191 13.13 22.86 7.79
CA SER A 191 14.02 22.74 6.64
C SER A 191 15.11 23.85 6.62
N ARG A 192 14.78 25.02 7.17
CA ARG A 192 15.81 26.08 7.34
C ARG A 192 16.94 25.61 8.25
N ALA A 193 16.61 24.88 9.31
CA ALA A 193 17.62 24.35 10.24
C ALA A 193 18.44 23.23 9.61
N LEU A 194 17.83 22.44 8.73
CA LEU A 194 18.61 21.44 8.01
C LEU A 194 19.53 22.14 7.03
N ILE A 195 19.04 23.20 6.38
CA ILE A 195 19.88 23.99 5.47
C ILE A 195 21.13 24.50 6.21
N LYS A 196 20.93 25.14 7.36
CA LYS A 196 22.04 25.76 8.13
C LYS A 196 22.87 24.74 8.90
N GLU A 197 22.23 23.70 9.45
CA GLU A 197 22.97 22.60 10.11
C GLU A 197 23.57 21.61 9.10
N LYS A 198 23.41 21.90 7.81
CA LYS A 198 24.12 21.17 6.75
C LYS A 198 25.30 22.01 6.27
N LEU A 199 25.04 23.26 5.90
CA LEU A 199 26.08 24.20 5.45
C LEU A 199 27.08 24.66 6.55
N THR A 200 26.82 24.34 7.81
CA THR A 200 27.63 24.83 8.93
C THR A 200 28.94 24.07 8.99
N THR A 210 29.33 26.33 1.66
CA THR A 210 29.53 26.75 0.26
C THR A 210 28.22 27.26 -0.43
N SER A 211 27.47 26.37 -1.09
CA SER A 211 26.12 26.69 -1.60
C SER A 211 25.26 25.43 -1.76
N LEU A 212 23.97 25.58 -1.48
CA LEU A 212 23.07 24.42 -1.45
C LEU A 212 22.01 24.57 -2.54
N ARG A 213 22.11 23.76 -3.61
CA ARG A 213 21.24 23.92 -4.80
C ARG A 213 20.12 22.87 -4.80
N VAL A 214 18.91 23.29 -5.16
CA VAL A 214 17.73 22.42 -5.13
C VAL A 214 16.83 22.78 -6.29
N SER A 215 16.16 21.78 -6.86
CA SER A 215 15.25 21.98 -7.99
C SER A 215 13.80 22.08 -7.54
N LEU A 216 13.03 22.87 -8.28
CA LEU A 216 11.59 23.01 -8.07
C LEU A 216 10.77 22.12 -9.00
N MET A 217 11.44 21.26 -9.74
CA MET A 217 10.80 20.37 -10.64
C MET A 217 10.74 18.97 -10.00
N CYS A 218 9.75 18.20 -10.37
CA CYS A 218 9.65 16.84 -9.88
C CYS A 218 10.69 15.96 -10.59
N PRO A 219 11.48 15.20 -9.83
CA PRO A 219 12.41 14.26 -10.45
C PRO A 219 11.71 13.07 -11.07
N LEU A 220 10.45 12.91 -10.71
CA LEU A 220 9.64 11.85 -11.20
C LEU A 220 8.97 12.23 -12.49
N GLY A 221 8.41 13.45 -12.55
CA GLY A 221 7.57 13.87 -13.66
C GLY A 221 8.06 15.07 -14.44
N LYS A 222 9.07 15.76 -13.90
CA LYS A 222 9.82 16.78 -14.66
C LYS A 222 9.12 18.11 -14.76
N MET A 223 7.86 18.14 -14.35
CA MET A 223 7.12 19.40 -14.29
C MET A 223 7.27 20.02 -12.90
N ARG A 224 6.91 21.31 -12.80
CA ARG A 224 6.94 22.04 -11.57
C ARG A 224 6.16 21.34 -10.46
N LEU A 225 6.79 21.17 -9.30
CA LEU A 225 6.14 20.61 -8.12
C LEU A 225 4.84 21.33 -7.85
N THR A 226 3.87 20.61 -7.41
CA THR A 226 2.62 21.18 -7.02
C THR A 226 2.51 21.10 -5.48
N ILE A 227 2.65 19.88 -4.95
CA ILE A 227 2.64 19.60 -3.51
C ILE A 227 3.95 18.88 -3.18
N PRO A 228 4.91 19.59 -2.58
CA PRO A 228 6.26 19.05 -2.39
C PRO A 228 6.38 18.17 -1.15
N CYS A 229 7.07 17.06 -1.32
CA CYS A 229 6.89 15.95 -0.43
C CYS A 229 8.20 15.19 -0.28
N ARG A 230 8.48 14.67 0.89
CA ARG A 230 9.39 13.55 1.00
C ARG A 230 9.13 12.85 2.29
N ALA A 231 9.88 11.78 2.51
CA ALA A 231 9.85 11.04 3.75
C ALA A 231 10.65 11.76 4.86
N VAL A 232 10.21 11.61 6.10
CA VAL A 232 10.93 12.18 7.22
C VAL A 232 12.35 11.61 7.33
N THR A 233 12.54 10.37 6.88
CA THR A 233 13.85 9.69 6.90
C THR A 233 14.83 10.23 5.85
N CYS A 234 14.33 10.92 4.82
CA CYS A 234 15.19 11.44 3.76
C CYS A 234 16.11 12.56 4.27
N THR A 235 17.39 12.47 3.93
CA THR A 235 18.34 13.47 4.41
C THR A 235 18.65 14.52 3.35
N HIS A 236 17.95 14.46 2.24
CA HIS A 236 18.09 15.45 1.18
C HIS A 236 16.99 16.48 1.31
N LEU A 237 17.15 17.60 0.62
CA LEU A 237 16.19 18.69 0.66
C LEU A 237 15.24 18.65 -0.54
N GLN A 238 15.71 18.05 -1.62
CA GLN A 238 14.92 17.88 -2.83
C GLN A 238 13.61 17.15 -2.55
N CYS A 239 12.50 17.70 -3.00
CA CYS A 239 11.19 17.10 -2.79
C CYS A 239 10.68 16.44 -4.08
N PHE A 240 9.63 15.64 -3.96
CA PHE A 240 8.94 15.14 -5.14
C PHE A 240 7.48 15.48 -5.02
N ASP A 241 6.74 15.32 -6.10
CA ASP A 241 5.35 15.71 -6.09
C ASP A 241 4.53 14.65 -5.39
N ALA A 242 3.80 15.04 -4.37
CA ALA A 242 2.98 14.10 -3.65
C ALA A 242 1.97 13.41 -4.59
N ALA A 243 1.28 14.16 -5.43
CA ALA A 243 0.15 13.57 -6.16
C ALA A 243 0.65 12.53 -7.12
N LEU A 244 1.77 12.81 -7.77
CA LEU A 244 2.28 11.95 -8.82
C LEU A 244 2.91 10.73 -8.21
N TYR A 245 3.53 10.89 -7.05
CA TYR A 245 4.14 9.75 -6.33
C TYR A 245 3.09 8.72 -5.89
N LEU A 246 1.97 9.22 -5.37
CA LEU A 246 0.85 8.41 -4.96
C LEU A 246 0.11 7.80 -6.16
N GLN A 247 0.05 8.50 -7.28
CA GLN A 247 -0.49 7.89 -8.53
C GLN A 247 0.33 6.69 -8.98
N MET A 248 1.65 6.80 -8.90
CA MET A 248 2.54 5.70 -9.29
C MET A 248 2.45 4.53 -8.37
N ASN A 249 2.46 4.78 -7.07
CA ASN A 249 2.26 3.67 -6.12
C ASN A 249 0.83 3.08 -6.12
N GLU A 250 -0.16 3.84 -6.55
CA GLU A 250 -1.51 3.32 -6.71
C GLU A 250 -1.54 2.18 -7.72
N LYS A 251 -0.71 2.27 -8.76
CA LYS A 251 -0.62 1.26 -9.83
C LYS A 251 0.40 0.15 -9.51
N LYS A 252 1.58 0.55 -9.07
CA LYS A 252 2.68 -0.39 -8.82
C LYS A 252 3.29 0.02 -7.50
N PRO A 253 2.77 -0.50 -6.38
CA PRO A 253 3.12 0.05 -5.06
C PRO A 253 4.47 -0.41 -4.55
N THR A 254 5.50 0.36 -4.89
CA THR A 254 6.88 0.08 -4.52
C THR A 254 7.36 0.91 -3.29
N TRP A 255 6.82 2.14 -3.13
CA TRP A 255 7.19 3.03 -2.00
C TRP A 255 8.67 3.25 -1.87
N ILE A 256 9.30 3.58 -3.01
CA ILE A 256 10.72 3.93 -3.05
C ILE A 256 10.84 5.40 -3.44
N CYS A 257 11.69 6.14 -2.72
CA CYS A 257 11.86 7.56 -2.98
C CYS A 257 12.65 7.78 -4.26
N PRO A 258 12.11 8.58 -5.17
CA PRO A 258 12.75 8.72 -6.49
C PRO A 258 14.06 9.52 -6.44
N VAL A 259 14.25 10.30 -5.38
CA VAL A 259 15.46 11.08 -5.27
C VAL A 259 16.60 10.22 -4.80
N CYS A 260 16.41 9.53 -3.70
CA CYS A 260 17.54 8.82 -3.08
C CYS A 260 17.36 7.29 -3.04
N ASP A 261 16.26 6.79 -3.61
CA ASP A 261 15.93 5.35 -3.59
C ASP A 261 15.96 4.63 -2.21
N LYS A 262 15.79 5.37 -1.11
CA LYS A 262 15.57 4.75 0.19
C LYS A 262 14.07 4.52 0.35
N LYS A 263 13.69 3.83 1.41
CA LYS A 263 12.27 3.58 1.71
C LYS A 263 11.58 4.92 1.97
N ALA A 264 10.36 5.05 1.45
CA ALA A 264 9.55 6.25 1.53
C ALA A 264 8.10 5.82 1.67
N ALA A 265 7.81 5.19 2.80
CA ALA A 265 6.50 4.66 3.09
C ALA A 265 5.50 5.77 3.22
N TYR A 266 4.23 5.45 3.03
CA TYR A 266 3.19 6.43 3.04
C TYR A 266 3.12 7.12 4.39
N GLU A 267 3.24 6.34 5.44
CA GLU A 267 3.14 6.89 6.81
C GLU A 267 4.35 7.78 7.18
N SER A 268 5.47 7.61 6.46
CA SER A 268 6.65 8.46 6.67
CA SER A 268 6.66 8.45 6.63
C SER A 268 6.59 9.78 5.89
N LEU A 269 5.58 9.95 5.01
CA LEU A 269 5.57 11.14 4.15
C LEU A 269 5.19 12.43 4.87
N ILE A 270 5.92 13.49 4.56
CA ILE A 270 5.58 14.85 4.97
C ILE A 270 5.64 15.79 3.78
N LEU A 271 5.01 16.94 3.96
CA LEU A 271 4.95 17.99 2.93
C LEU A 271 5.76 19.15 3.43
N ASP A 272 6.68 19.64 2.61
CA ASP A 272 7.57 20.66 3.09
C ASP A 272 6.97 22.07 2.94
N GLY A 273 6.64 22.68 4.07
CA GLY A 273 6.18 24.07 4.12
C GLY A 273 7.11 25.08 3.43
N LEU A 274 8.43 24.86 3.54
CA LEU A 274 9.37 25.79 2.93
C LEU A 274 9.25 25.79 1.42
N PHE A 275 9.31 24.63 0.81
CA PHE A 275 9.12 24.54 -0.65
C PHE A 275 7.78 25.00 -1.12
N MET A 276 6.77 24.90 -0.27
CA MET A 276 5.45 25.48 -0.60
C MET A 276 5.47 27.01 -0.68
N GLU A 277 6.16 27.66 0.27
CA GLU A 277 6.35 29.11 0.23
C GLU A 277 7.06 29.52 -1.02
N ILE A 278 8.12 28.79 -1.35
CA ILE A 278 8.94 29.13 -2.51
C ILE A 278 8.18 28.94 -3.83
N LEU A 279 7.39 27.88 -3.92
CA LEU A 279 6.52 27.68 -5.09
C LEU A 279 5.53 28.85 -5.32
N ASN A 280 4.86 29.35 -4.28
CA ASN A 280 3.91 30.49 -4.45
C ASN A 280 4.57 31.83 -4.85
N ASP A 281 5.91 31.89 -4.81
CA ASP A 281 6.68 33.13 -5.09
C ASP A 281 7.42 33.12 -6.43
N CYS A 282 7.85 31.94 -6.85
CA CYS A 282 8.52 31.76 -8.13
C CYS A 282 7.53 31.51 -9.27
N SER A 283 7.98 31.82 -10.48
CA SER A 283 7.41 31.24 -11.69
C SER A 283 8.50 31.23 -12.74
N ASP A 284 8.44 30.29 -13.69
CA ASP A 284 9.43 30.20 -14.78
C ASP A 284 10.88 30.10 -14.24
N VAL A 285 11.00 29.56 -13.02
CA VAL A 285 12.28 29.33 -12.37
C VAL A 285 12.32 27.87 -11.93
N ASP A 286 13.38 27.17 -12.33
CA ASP A 286 13.50 25.71 -12.22
C ASP A 286 14.32 25.23 -11.04
N GLU A 287 15.20 26.08 -10.52
CA GLU A 287 16.21 25.66 -9.56
C GLU A 287 16.50 26.83 -8.65
N ILE A 288 16.93 26.55 -7.43
CA ILE A 288 17.32 27.61 -6.50
C ILE A 288 18.56 27.25 -5.69
N LYS A 289 19.34 28.27 -5.35
CA LYS A 289 20.53 28.14 -4.46
C LYS A 289 20.13 28.71 -3.12
N PHE A 290 20.41 27.98 -2.06
CA PHE A 290 20.21 28.49 -0.71
C PHE A 290 21.55 28.98 -0.21
N GLN A 291 21.53 30.07 0.59
CA GLN A 291 22.71 30.54 1.36
C GLN A 291 22.46 30.30 2.88
N GLU A 292 23.28 30.91 3.74
CA GLU A 292 23.31 30.57 5.18
C GLU A 292 22.00 30.87 5.91
N GLY A 294 19.03 30.80 5.27
CA GLY A 294 17.85 30.25 4.56
C GLY A 294 17.35 31.13 3.42
N SER A 295 18.12 32.17 3.10
CA SER A 295 17.86 33.01 1.93
C SER A 295 17.99 32.13 0.70
N TRP A 296 17.46 32.58 -0.44
CA TRP A 296 17.58 31.79 -1.67
C TRP A 296 17.51 32.60 -2.93
N CYS A 297 18.40 32.31 -3.86
CA CYS A 297 18.40 32.89 -5.22
C CYS A 297 18.09 31.80 -6.25
N PRO A 298 17.58 32.18 -7.45
CA PRO A 298 17.62 31.24 -8.59
C PRO A 298 19.03 31.03 -9.19
ZN ZN B . 14.74 10.27 -0.35
UNK UNX C . -12.13 -15.90 12.22
UNK UNX D . -13.92 -21.61 9.19
UNK UNX E . -4.77 0.87 5.52
UNK UNX F . 5.50 -22.27 -5.89
UNK UNX G . -9.60 -6.41 -2.16
UNK UNX H . -20.19 1.45 0.92
UNK UNX I . -22.85 0.62 -12.09
UNK UNX J . -6.62 -9.25 -6.86
UNK UNX K . -29.17 -11.38 1.58
UNK UNX L . -5.52 -13.75 15.31
UNK UNX M . 0.95 -5.66 -5.32
UNK UNX N . -10.51 -27.74 6.76
UNK UNX O . -8.26 -11.96 19.57
UNK UNX P . -17.74 -13.81 9.63
UNK UNX Q . -13.77 3.84 5.65
UNK UNX R . -17.97 -28.13 11.67
UNK UNX S . 0.66 -7.68 -13.36
UNK UNX T . -34.83 -0.56 2.34
UNK UNX U . 10.65 -29.71 6.98
UNK UNX V . 37.21 22.62 6.91
#